data_8XF9
#
_entry.id   8XF9
#
_cell.length_a   75.847
_cell.length_b   75.847
_cell.length_c   102.622
_cell.angle_alpha   90.000
_cell.angle_beta   90.000
_cell.angle_gamma   120.000
#
_symmetry.space_group_name_H-M   'P 65'
#
loop_
_entity.id
_entity.type
_entity.pdbx_description
1 polymer 'Iron-hydroxamate ABC transporter substrate-binding protein FtsB'
2 non-polymer 3,6,9,12,15,18-HEXAOXAICOSANE-1,20-DIOL
3 non-polymer DI(HYDROXYETHYL)ETHER
4 non-polymer 'ZINC ION'
5 non-polymer 'SULFATE ION'
6 non-polymer 'CHLORIDE ION'
7 non-polymer 'SODIUM ION'
8 water water
#
_entity_poly.entity_id   1
_entity_poly.type   'polypeptide(L)'
_entity_poly.pdbx_seq_one_letter_code
;SNTASKSLSPMPQIAGVTYYGDIPKQPKRVVSLASTYTGYLKKLDMNLVGVTSYDKKNPILAKTVKKAKQVAATDLEAIT
TLKPDLIVVGSTEENIKQLAEIAPVISIEARKRDYLQVLSDFGRIFNKEGKAKKWLKDWKTKTAAYEKEVKAVTGDKATF
TIMGLYEKDVYLFGKDWGRGGEIIHQAFHYDAPEKVKTEVFKQGYLSLSQEVLPDYIGDYVVIAAEDDKTGSALYESKLW
QSIPAVKKHHVIKVNANVFYFTDPLSLEYQLETLREAILSSEN
;
_entity_poly.pdbx_strand_id   A
#
loop_
_chem_comp.id
_chem_comp.type
_chem_comp.name
_chem_comp.formula
CL non-polymer 'CHLORIDE ION' 'Cl -1'
NA non-polymer 'SODIUM ION' 'Na 1'
P33 non-polymer 3,6,9,12,15,18-HEXAOXAICOSANE-1,20-DIOL 'C14 H30 O8'
PEG non-polymer DI(HYDROXYETHYL)ETHER 'C4 H10 O3'
SO4 non-polymer 'SULFATE ION' 'O4 S -2'
ZN non-polymer 'ZINC ION' 'Zn 2'
#
# COMPACT_ATOMS: atom_id res chain seq x y z
N SER A 5 28.58 -4.76 17.45
CA SER A 5 29.38 -3.54 17.14
C SER A 5 28.53 -2.36 16.64
N LYS A 6 27.26 -2.57 16.25
CA LYS A 6 26.43 -1.48 15.74
C LYS A 6 25.73 -0.73 16.88
N SER A 7 25.57 0.59 16.76
CA SER A 7 24.66 1.33 17.64
C SER A 7 23.27 0.74 17.46
N LEU A 8 22.56 0.52 18.57
CA LEU A 8 21.30 -0.22 18.50
C LEU A 8 20.08 0.70 18.53
N SER A 9 19.07 0.27 17.78
CA SER A 9 17.72 0.78 17.93
C SER A 9 17.25 0.66 19.37
N PRO A 10 16.40 1.61 19.84
CA PRO A 10 15.75 1.42 21.13
C PRO A 10 14.74 0.28 21.16
N MET A 11 14.38 -0.26 19.98
CA MET A 11 13.54 -1.45 19.88
C MET A 11 12.28 -1.30 20.73
N PRO A 12 11.48 -0.25 20.46
CA PRO A 12 10.22 -0.07 21.21
C PRO A 12 9.26 -1.24 21.00
N GLN A 13 8.47 -1.53 22.02
CA GLN A 13 7.40 -2.49 21.93
C GLN A 13 6.20 -1.84 21.25
N ILE A 14 5.88 -2.33 20.05
CA ILE A 14 4.84 -1.78 19.20
C ILE A 14 4.03 -2.97 18.69
N ALA A 15 2.70 -2.83 18.73
CA ALA A 15 1.81 -3.88 18.26
C ALA A 15 2.22 -4.30 16.86
N GLY A 16 2.36 -5.61 16.65
CA GLY A 16 2.69 -6.17 15.37
C GLY A 16 4.18 -6.23 15.04
N VAL A 17 5.05 -5.63 15.85
CA VAL A 17 6.47 -5.59 15.54
C VAL A 17 7.22 -6.61 16.40
N THR A 18 7.98 -7.51 15.76
CA THR A 18 8.81 -8.47 16.48
C THR A 18 10.25 -8.29 16.00
N TYR A 19 11.17 -8.27 16.96
CA TYR A 19 12.59 -8.16 16.67
C TYR A 19 13.29 -9.50 16.88
N TYR A 20 14.15 -9.86 15.93
CA TYR A 20 15.02 -11.04 16.05
C TYR A 20 16.45 -10.54 16.00
N GLY A 21 17.14 -10.57 17.15
CA GLY A 21 18.47 -10.01 17.24
C GLY A 21 18.44 -8.53 17.60
N ASP A 22 19.63 -7.95 17.61
CA ASP A 22 19.79 -6.56 18.01
C ASP A 22 19.71 -5.68 16.78
N ILE A 23 18.59 -4.97 16.64
CA ILE A 23 18.34 -4.14 15.48
C ILE A 23 19.28 -2.95 15.49
N PRO A 24 19.98 -2.63 14.38
CA PRO A 24 20.77 -1.40 14.33
C PRO A 24 19.89 -0.15 14.26
N LYS A 25 20.34 0.94 14.88
CA LYS A 25 19.65 2.21 14.82
CA LYS A 25 19.61 2.19 14.81
C LYS A 25 19.80 2.87 13.45
N GLN A 26 20.99 2.71 12.86
CA GLN A 26 21.36 3.36 11.61
C GLN A 26 21.89 2.32 10.65
N PRO A 27 21.06 1.36 10.21
CA PRO A 27 21.54 0.35 9.27
C PRO A 27 22.00 1.02 7.98
N LYS A 28 23.08 0.47 7.43
CA LYS A 28 23.69 0.98 6.21
C LYS A 28 23.38 0.12 4.99
N ARG A 29 22.92 -1.12 5.20
CA ARG A 29 22.70 -2.06 4.11
C ARG A 29 21.44 -2.87 4.40
N VAL A 30 20.29 -2.36 3.98
CA VAL A 30 19.01 -2.97 4.34
C VAL A 30 18.53 -3.86 3.20
N VAL A 31 18.04 -5.05 3.57
CA VAL A 31 17.31 -5.91 2.66
C VAL A 31 15.84 -5.91 3.08
N SER A 32 14.97 -5.44 2.17
CA SER A 32 13.53 -5.54 2.37
C SER A 32 12.98 -6.74 1.64
N LEU A 33 12.37 -7.65 2.39
CA LEU A 33 11.67 -8.80 1.85
C LEU A 33 10.16 -8.61 1.93
N ALA A 34 9.72 -7.39 2.19
CA ALA A 34 8.29 -7.13 2.33
C ALA A 34 7.98 -5.84 1.59
N SER A 35 7.35 -5.98 0.42
CA SER A 35 7.03 -4.85 -0.45
C SER A 35 6.05 -3.88 0.24
N THR A 36 5.35 -4.32 1.28
CA THR A 36 4.51 -3.41 2.08
C THR A 36 5.35 -2.30 2.69
N TYR A 37 6.61 -2.61 3.06
CA TYR A 37 7.41 -1.71 3.89
C TYR A 37 8.54 -1.02 3.13
N THR A 38 8.95 -1.52 1.95
CA THR A 38 10.13 -1.01 1.28
C THR A 38 10.12 0.51 1.18
N GLY A 39 9.01 1.08 0.72
CA GLY A 39 8.99 2.52 0.48
C GLY A 39 8.98 3.36 1.74
N TYR A 40 8.54 2.78 2.87
CA TYR A 40 8.68 3.47 4.14
C TYR A 40 10.16 3.64 4.48
N LEU A 41 10.93 2.57 4.28
CA LEU A 41 12.36 2.58 4.53
C LEU A 41 13.06 3.57 3.60
N LYS A 42 12.64 3.64 2.34
CA LYS A 42 13.21 4.59 1.40
CA LYS A 42 13.20 4.60 1.40
C LYS A 42 12.89 6.03 1.82
N LYS A 43 11.64 6.29 2.25
CA LYS A 43 11.27 7.62 2.71
C LYS A 43 12.15 8.08 3.87
N LEU A 44 12.56 7.15 4.73
CA LEU A 44 13.43 7.50 5.86
C LEU A 44 14.92 7.42 5.48
N ASP A 45 15.22 7.42 4.18
CA ASP A 45 16.59 7.56 3.67
C ASP A 45 17.47 6.36 4.02
N MET A 46 16.88 5.17 4.09
CA MET A 46 17.66 3.95 4.20
CA MET A 46 17.66 3.94 4.21
C MET A 46 18.24 3.54 2.84
N ASN A 47 19.45 2.96 2.91
CA ASN A 47 20.11 2.40 1.76
C ASN A 47 19.63 0.96 1.60
N LEU A 48 18.80 0.75 0.58
CA LEU A 48 18.28 -0.56 0.28
CA LEU A 48 18.26 -0.55 0.26
C LEU A 48 19.21 -1.26 -0.69
N VAL A 49 19.78 -2.37 -0.22
CA VAL A 49 20.67 -3.17 -1.06
C VAL A 49 19.93 -4.35 -1.65
N GLY A 50 18.78 -4.75 -1.09
CA GLY A 50 17.95 -5.81 -1.64
C GLY A 50 16.48 -5.43 -1.47
N VAL A 51 15.67 -5.73 -2.49
CA VAL A 51 14.24 -5.46 -2.49
C VAL A 51 13.53 -6.61 -3.18
N THR A 52 12.20 -6.61 -3.18
CA THR A 52 11.43 -7.71 -3.74
C THR A 52 11.12 -7.51 -5.23
N SER A 53 10.63 -8.60 -5.83
CA SER A 53 10.11 -8.55 -7.19
C SER A 53 8.98 -7.53 -7.33
N TYR A 54 8.09 -7.44 -6.35
CA TYR A 54 7.02 -6.46 -6.37
C TYR A 54 7.58 -5.06 -6.37
N ASP A 55 8.64 -4.81 -5.59
CA ASP A 55 9.24 -3.47 -5.57
C ASP A 55 9.79 -3.11 -6.93
N LYS A 56 10.44 -4.06 -7.61
CA LYS A 56 11.00 -3.79 -8.93
C LYS A 56 9.91 -3.57 -9.98
N LYS A 57 8.71 -4.12 -9.76
CA LYS A 57 7.58 -3.93 -10.68
C LYS A 57 6.71 -2.73 -10.33
N ASN A 58 7.01 -2.04 -9.23
CA ASN A 58 6.31 -0.84 -8.83
C ASN A 58 6.99 0.29 -9.57
N PRO A 59 6.34 0.86 -10.61
CA PRO A 59 7.03 1.81 -11.46
C PRO A 59 7.44 3.11 -10.77
N ILE A 60 6.85 3.42 -9.61
CA ILE A 60 7.22 4.60 -8.84
C ILE A 60 8.40 4.29 -7.94
N LEU A 61 8.27 3.23 -7.15
CA LEU A 61 9.32 2.88 -6.20
C LEU A 61 10.59 2.40 -6.90
N ALA A 62 10.44 1.67 -8.01
CA ALA A 62 11.58 1.08 -8.69
C ALA A 62 12.61 2.14 -9.08
N LYS A 63 12.16 3.34 -9.44
CA LYS A 63 13.07 4.40 -9.87
C LYS A 63 14.05 4.79 -8.76
N THR A 64 13.72 4.47 -7.50
CA THR A 64 14.51 4.91 -6.36
C THR A 64 15.41 3.80 -5.81
N VAL A 65 15.28 2.58 -6.34
CA VAL A 65 16.02 1.42 -5.82
C VAL A 65 16.73 0.69 -6.96
N LYS A 66 17.19 1.44 -7.97
CA LYS A 66 17.83 0.83 -9.12
C LYS A 66 19.07 0.01 -8.72
N LYS A 67 19.80 0.44 -7.69
CA LYS A 67 21.01 -0.23 -7.28
C LYS A 67 20.73 -1.46 -6.41
N ALA A 68 19.52 -1.60 -5.91
CA ALA A 68 19.18 -2.75 -5.08
C ALA A 68 19.04 -3.98 -5.96
N LYS A 69 19.46 -5.14 -5.44
CA LYS A 69 19.25 -6.41 -6.10
C LYS A 69 17.88 -6.96 -5.72
N GLN A 70 17.19 -7.53 -6.70
CA GLN A 70 15.97 -8.26 -6.44
C GLN A 70 16.30 -9.59 -5.75
N VAL A 71 15.63 -9.86 -4.63
CA VAL A 71 15.83 -11.10 -3.88
C VAL A 71 14.47 -11.57 -3.37
N ALA A 72 14.38 -12.88 -3.14
CA ALA A 72 13.27 -13.53 -2.46
C ALA A 72 13.75 -14.03 -1.09
N ALA A 73 12.81 -14.38 -0.21
CA ALA A 73 13.17 -14.79 1.15
C ALA A 73 13.94 -16.11 1.17
N THR A 74 13.79 -16.93 0.13
CA THR A 74 14.53 -18.19 0.02
C THR A 74 15.98 -17.99 -0.43
N ASP A 75 16.35 -16.79 -0.85
CA ASP A 75 17.69 -16.53 -1.41
C ASP A 75 18.73 -16.32 -0.33
N LEU A 76 18.96 -17.35 0.49
CA LEU A 76 19.85 -17.20 1.62
C LEU A 76 21.26 -16.83 1.15
N GLU A 77 21.74 -17.45 0.07
CA GLU A 77 23.07 -17.17 -0.44
C GLU A 77 23.18 -15.74 -0.98
N ALA A 78 22.22 -15.31 -1.80
CA ALA A 78 22.28 -13.99 -2.37
C ALA A 78 22.17 -12.93 -1.27
N ILE A 79 21.28 -13.15 -0.31
CA ILE A 79 21.11 -12.19 0.78
C ILE A 79 22.39 -12.13 1.62
N THR A 80 22.99 -13.28 1.92
CA THR A 80 24.24 -13.29 2.66
C THR A 80 25.30 -12.45 1.93
N THR A 81 25.40 -12.62 0.61
CA THR A 81 26.42 -11.96 -0.16
C THR A 81 26.24 -10.45 -0.19
N LEU A 82 24.99 -9.97 0.00
CA LEU A 82 24.73 -8.53 0.08
C LEU A 82 25.24 -7.92 1.39
N LYS A 83 25.63 -8.77 2.35
CA LYS A 83 26.15 -8.31 3.63
C LYS A 83 25.20 -7.30 4.29
N PRO A 84 23.91 -7.63 4.46
CA PRO A 84 22.99 -6.71 5.11
C PRO A 84 23.31 -6.57 6.58
N ASP A 85 22.96 -5.40 7.14
CA ASP A 85 22.92 -5.22 8.58
C ASP A 85 21.50 -5.21 9.14
N LEU A 86 20.48 -5.36 8.25
CA LEU A 86 19.09 -5.42 8.67
C LEU A 86 18.30 -6.10 7.56
N ILE A 87 17.40 -6.99 7.95
CA ILE A 87 16.41 -7.60 7.06
C ILE A 87 15.03 -7.27 7.59
N VAL A 88 14.10 -6.87 6.71
CA VAL A 88 12.72 -6.56 7.08
C VAL A 88 11.81 -7.56 6.37
N VAL A 89 10.91 -8.18 7.13
CA VAL A 89 10.00 -9.20 6.63
C VAL A 89 8.59 -8.98 7.16
N GLY A 90 7.61 -9.58 6.46
CA GLY A 90 6.28 -9.72 6.99
C GLY A 90 6.21 -10.95 7.89
N SER A 91 5.30 -10.95 8.87
CA SER A 91 5.26 -11.99 9.88
C SER A 91 4.86 -13.36 9.34
N THR A 92 4.29 -13.41 8.13
CA THR A 92 3.88 -14.71 7.57
C THR A 92 5.01 -15.37 6.78
N GLU A 93 6.21 -14.78 6.73
CA GLU A 93 7.34 -15.45 6.10
C GLU A 93 7.70 -16.71 6.89
N GLU A 94 8.24 -17.75 6.25
CA GLU A 94 8.34 -19.01 6.96
C GLU A 94 9.75 -19.43 7.33
N ASN A 95 10.74 -18.65 6.91
CA ASN A 95 12.10 -18.97 7.23
C ASN A 95 12.77 -17.82 7.97
N ILE A 96 12.03 -17.20 8.90
CA ILE A 96 12.56 -16.08 9.64
C ILE A 96 13.78 -16.51 10.45
N LYS A 97 13.76 -17.74 10.98
CA LYS A 97 14.89 -18.26 11.75
C LYS A 97 16.17 -18.26 10.93
N GLN A 98 16.11 -18.75 9.68
CA GLN A 98 17.28 -18.77 8.81
C GLN A 98 17.71 -17.36 8.42
N LEU A 99 16.73 -16.46 8.16
CA LEU A 99 17.06 -15.10 7.83
C LEU A 99 17.77 -14.40 8.99
N ALA A 100 17.32 -14.66 10.22
CA ALA A 100 17.87 -13.99 11.39
C ALA A 100 19.29 -14.48 11.69
N GLU A 101 19.72 -15.59 11.10
CA GLU A 101 21.11 -15.99 11.17
C GLU A 101 22.02 -15.12 10.29
N ILE A 102 21.47 -14.46 9.26
CA ILE A 102 22.25 -13.62 8.38
C ILE A 102 22.43 -12.22 8.97
N ALA A 103 21.31 -11.65 9.46
CA ALA A 103 21.32 -10.30 10.01
C ALA A 103 20.11 -10.17 10.92
N PRO A 104 20.10 -9.16 11.81
CA PRO A 104 18.90 -8.89 12.60
C PRO A 104 17.68 -8.67 11.71
N VAL A 105 16.53 -9.13 12.19
CA VAL A 105 15.28 -9.06 11.45
C VAL A 105 14.24 -8.28 12.23
N ILE A 106 13.55 -7.38 11.51
CA ILE A 106 12.27 -6.83 11.97
C ILE A 106 11.17 -7.54 11.20
N SER A 107 10.22 -8.13 11.95
CA SER A 107 9.07 -8.84 11.40
C SER A 107 7.81 -8.09 11.77
N ILE A 108 7.01 -7.70 10.77
CA ILE A 108 5.80 -6.94 11.03
C ILE A 108 4.57 -7.73 10.62
N GLU A 109 3.62 -7.79 11.56
CA GLU A 109 2.31 -8.39 11.34
C GLU A 109 1.40 -7.33 10.74
N ALA A 110 0.89 -7.61 9.54
CA ALA A 110 0.10 -6.64 8.82
C ALA A 110 -1.15 -6.24 9.62
N ARG A 111 -1.52 -4.96 9.51
CA ARG A 111 -2.79 -4.45 10.01
C ARG A 111 -2.83 -4.09 11.50
N LYS A 112 -1.79 -4.39 12.27
CA LYS A 112 -1.78 -4.09 13.68
CA LYS A 112 -1.78 -4.09 13.69
C LYS A 112 -1.58 -2.60 13.94
N ARG A 113 -0.97 -1.90 12.98
CA ARG A 113 -0.78 -0.45 13.00
C ARG A 113 -1.24 0.06 11.64
N ASP A 114 -1.81 1.27 11.60
CA ASP A 114 -2.37 1.77 10.36
C ASP A 114 -1.29 2.31 9.44
N TYR A 115 -1.69 2.68 8.21
CA TYR A 115 -0.72 2.95 7.16
C TYR A 115 0.15 4.17 7.47
N LEU A 116 -0.32 5.07 8.32
CA LEU A 116 0.46 6.25 8.75
C LEU A 116 1.31 5.90 9.97
N GLN A 117 0.72 5.21 10.94
CA GLN A 117 1.44 4.77 12.13
C GLN A 117 2.69 3.98 11.78
N VAL A 118 2.64 3.17 10.72
CA VAL A 118 3.81 2.39 10.34
C VAL A 118 5.02 3.30 10.12
N LEU A 119 4.81 4.48 9.52
CA LEU A 119 5.92 5.40 9.27
C LEU A 119 6.48 5.97 10.57
N SER A 120 5.61 6.50 11.44
CA SER A 120 6.11 7.04 12.69
C SER A 120 6.71 5.94 13.59
N ASP A 121 6.20 4.72 13.48
CA ASP A 121 6.80 3.59 14.21
C ASP A 121 8.22 3.34 13.73
N PHE A 122 8.46 3.33 12.43
CA PHE A 122 9.84 3.23 11.95
C PHE A 122 10.67 4.43 12.39
N GLY A 123 10.05 5.61 12.46
CA GLY A 123 10.74 6.77 13.01
C GLY A 123 11.27 6.54 14.42
N ARG A 124 10.48 5.89 15.26
CA ARG A 124 10.93 5.55 16.61
C ARG A 124 12.03 4.51 16.57
N ILE A 125 11.89 3.48 15.74
CA ILE A 125 12.84 2.38 15.69
C ILE A 125 14.22 2.88 15.26
N PHE A 126 14.25 3.80 14.28
CA PHE A 126 15.51 4.25 13.71
C PHE A 126 15.91 5.65 14.16
N ASN A 127 15.22 6.22 15.14
CA ASN A 127 15.52 7.57 15.59
C ASN A 127 15.52 8.54 14.40
N LYS A 128 14.46 8.45 13.56
CA LYS A 128 14.21 9.33 12.42
C LYS A 128 12.83 9.96 12.58
N GLU A 129 12.56 10.41 13.79
CA GLU A 129 11.26 10.95 14.12
C GLU A 129 10.95 12.22 13.33
N GLY A 130 11.95 13.06 13.11
CA GLY A 130 11.72 14.32 12.43
C GLY A 130 11.32 14.12 10.96
N LYS A 131 12.03 13.22 10.27
CA LYS A 131 11.69 12.92 8.89
CA LYS A 131 11.69 12.92 8.89
C LYS A 131 10.27 12.37 8.78
N ALA A 132 9.91 11.46 9.67
CA ALA A 132 8.57 10.88 9.66
C ALA A 132 7.53 11.95 9.94
N LYS A 133 7.77 12.77 10.98
CA LYS A 133 6.79 13.75 11.39
C LYS A 133 6.53 14.77 10.29
N LYS A 134 7.60 15.24 9.65
CA LYS A 134 7.42 16.24 8.60
C LYS A 134 6.59 15.67 7.45
N TRP A 135 6.87 14.43 7.06
CA TRP A 135 6.08 13.83 5.99
C TRP A 135 4.62 13.71 6.41
N LEU A 136 4.38 13.23 7.63
CA LEU A 136 3.02 13.00 8.10
C LEU A 136 2.23 14.31 8.20
N LYS A 137 2.88 15.38 8.67
CA LYS A 137 2.20 16.66 8.77
C LYS A 137 1.79 17.17 7.39
N ASP A 138 2.71 17.07 6.46
CA ASP A 138 2.41 17.47 5.09
C ASP A 138 1.29 16.62 4.51
N TRP A 139 1.34 15.32 4.74
CA TRP A 139 0.30 14.44 4.24
C TRP A 139 -1.07 14.81 4.81
N LYS A 140 -1.14 15.11 6.10
CA LYS A 140 -2.42 15.49 6.71
C LYS A 140 -2.98 16.76 6.03
N THR A 141 -2.15 17.78 5.90
CA THR A 141 -2.60 19.04 5.31
C THR A 141 -3.02 18.83 3.84
N LYS A 142 -2.19 18.14 3.08
CA LYS A 142 -2.44 17.94 1.67
C LYS A 142 -3.70 17.10 1.43
N THR A 143 -3.85 16.01 2.18
CA THR A 143 -5.04 15.19 2.01
C THR A 143 -6.32 15.94 2.40
N ALA A 144 -6.27 16.77 3.43
CA ALA A 144 -7.45 17.57 3.77
C ALA A 144 -7.80 18.53 2.63
N ALA A 145 -6.78 19.14 2.04
CA ALA A 145 -7.01 20.08 0.95
C ALA A 145 -7.56 19.35 -0.28
N TYR A 146 -7.00 18.18 -0.57
CA TYR A 146 -7.45 17.43 -1.74
C TYR A 146 -8.85 16.86 -1.51
N GLU A 147 -9.18 16.48 -0.28
CA GLU A 147 -10.53 16.05 0.05
C GLU A 147 -11.53 17.14 -0.37
N LYS A 148 -11.22 18.40 -0.06
CA LYS A 148 -12.11 19.49 -0.48
C LYS A 148 -12.20 19.58 -2.00
N GLU A 149 -11.07 19.44 -2.70
CA GLU A 149 -11.08 19.54 -4.15
C GLU A 149 -11.97 18.46 -4.76
N VAL A 150 -11.88 17.22 -4.28
CA VAL A 150 -12.60 16.13 -4.91
C VAL A 150 -14.08 16.16 -4.52
N LYS A 151 -14.39 16.50 -3.28
CA LYS A 151 -15.78 16.57 -2.86
C LYS A 151 -16.49 17.79 -3.47
N ALA A 152 -15.75 18.79 -3.95
CA ALA A 152 -16.33 19.89 -4.71
C ALA A 152 -16.93 19.38 -6.02
N VAL A 153 -16.43 18.25 -6.54
CA VAL A 153 -16.92 17.63 -7.76
C VAL A 153 -18.07 16.68 -7.45
N THR A 154 -17.85 15.77 -6.49
CA THR A 154 -18.73 14.63 -6.28
C THR A 154 -19.85 14.93 -5.29
N GLY A 155 -19.68 15.96 -4.46
CA GLY A 155 -20.47 16.10 -3.26
C GLY A 155 -19.88 15.30 -2.11
N ASP A 156 -20.25 15.68 -0.90
CA ASP A 156 -19.65 15.11 0.28
C ASP A 156 -20.11 13.69 0.58
N LYS A 157 -21.29 13.29 0.11
CA LYS A 157 -21.90 12.02 0.48
C LYS A 157 -21.77 10.93 -0.58
N ALA A 158 -21.03 11.18 -1.67
CA ALA A 158 -20.85 10.19 -2.71
C ALA A 158 -20.21 8.92 -2.14
N THR A 159 -20.71 7.77 -2.59
CA THR A 159 -20.15 6.48 -2.19
C THR A 159 -19.12 5.99 -3.20
N PHE A 160 -18.07 5.40 -2.64
CA PHE A 160 -16.97 4.78 -3.39
C PHE A 160 -16.84 3.32 -2.96
N THR A 161 -16.52 2.47 -3.93
CA THR A 161 -16.14 1.08 -3.70
C THR A 161 -14.76 0.83 -4.29
N ILE A 162 -13.91 0.16 -3.51
CA ILE A 162 -12.59 -0.27 -3.95
C ILE A 162 -12.71 -1.72 -4.43
N MET A 163 -12.21 -1.95 -5.65
CA MET A 163 -12.27 -3.26 -6.29
C MET A 163 -10.90 -3.58 -6.87
N GLY A 164 -10.61 -4.88 -6.98
CA GLY A 164 -9.44 -5.35 -7.69
C GLY A 164 -9.75 -6.57 -8.53
N LEU A 165 -9.05 -6.66 -9.66
CA LEU A 165 -9.14 -7.79 -10.55
C LEU A 165 -7.81 -8.54 -10.55
N TYR A 166 -7.89 -9.87 -10.51
CA TYR A 166 -6.70 -10.69 -10.58
C TYR A 166 -7.09 -11.99 -11.27
N GLU A 167 -6.39 -12.31 -12.37
CA GLU A 167 -6.75 -13.49 -13.17
C GLU A 167 -8.22 -13.38 -13.54
N LYS A 168 -9.03 -14.42 -13.29
CA LYS A 168 -10.45 -14.40 -13.59
C LYS A 168 -11.30 -13.95 -12.41
N ASP A 169 -10.65 -13.48 -11.33
CA ASP A 169 -11.32 -13.20 -10.07
C ASP A 169 -11.54 -11.71 -9.82
N VAL A 170 -12.58 -11.44 -9.03
CA VAL A 170 -12.95 -10.09 -8.63
C VAL A 170 -12.97 -10.02 -7.11
N TYR A 171 -12.41 -8.95 -6.56
CA TYR A 171 -12.36 -8.73 -5.11
C TYR A 171 -12.85 -7.31 -4.81
N LEU A 172 -13.50 -7.16 -3.66
CA LEU A 172 -13.76 -5.85 -3.08
C LEU A 172 -12.82 -5.67 -1.89
N PHE A 173 -12.52 -4.41 -1.57
CA PHE A 173 -11.63 -4.06 -0.47
C PHE A 173 -12.26 -2.96 0.37
N GLY A 174 -11.79 -2.89 1.62
CA GLY A 174 -12.20 -1.85 2.53
C GLY A 174 -11.23 -0.68 2.55
N LYS A 175 -10.99 -0.16 3.75
CA LYS A 175 -10.24 1.07 3.91
C LYS A 175 -8.75 0.84 4.13
N ASP A 176 -8.32 -0.41 4.32
CA ASP A 176 -6.96 -0.64 4.79
C ASP A 176 -6.33 -1.89 4.19
N TRP A 177 -6.67 -2.21 2.94
CA TRP A 177 -6.10 -3.35 2.24
C TRP A 177 -5.53 -2.93 0.89
N GLY A 178 -5.04 -1.70 0.78
CA GLY A 178 -4.46 -1.24 -0.46
C GLY A 178 -5.50 -0.97 -1.55
N ARG A 179 -5.01 -0.96 -2.78
CA ARG A 179 -5.84 -0.72 -3.97
C ARG A 179 -6.50 0.67 -3.94
N GLY A 180 -5.90 1.62 -3.22
CA GLY A 180 -6.41 2.96 -3.13
C GLY A 180 -7.38 3.21 -1.97
N GLY A 181 -7.69 2.19 -1.17
CA GLY A 181 -8.65 2.36 -0.10
C GLY A 181 -8.20 3.33 0.98
N GLU A 182 -6.90 3.35 1.30
CA GLU A 182 -6.40 4.26 2.32
C GLU A 182 -6.70 5.69 1.88
N ILE A 183 -6.37 6.03 0.65
CA ILE A 183 -6.65 7.40 0.19
C ILE A 183 -8.14 7.66 0.09
N ILE A 184 -8.89 6.78 -0.56
CA ILE A 184 -10.30 7.06 -0.79
C ILE A 184 -11.08 7.17 0.52
N HIS A 185 -10.88 6.20 1.41
CA HIS A 185 -11.69 6.12 2.62
C HIS A 185 -11.04 6.78 3.83
N GLN A 186 -9.72 6.61 4.03
CA GLN A 186 -9.07 7.20 5.20
C GLN A 186 -8.67 8.66 5.01
N ALA A 187 -8.23 9.03 3.82
CA ALA A 187 -7.71 10.37 3.61
C ALA A 187 -8.75 11.32 3.02
N PHE A 188 -9.56 10.84 2.07
CA PHE A 188 -10.63 11.66 1.51
C PHE A 188 -11.94 11.49 2.28
N HIS A 189 -12.01 10.51 3.19
CA HIS A 189 -13.21 10.29 3.98
C HIS A 189 -14.45 10.10 3.10
N TYR A 190 -14.32 9.33 2.02
CA TYR A 190 -15.51 8.95 1.27
C TYR A 190 -16.17 7.75 1.96
N ASP A 191 -17.49 7.84 2.01
CA ASP A 191 -18.34 6.74 2.40
C ASP A 191 -18.24 5.62 1.36
N ALA A 192 -18.72 4.44 1.76
CA ALA A 192 -18.88 3.29 0.86
C ALA A 192 -20.34 2.88 0.91
N PRO A 193 -20.85 2.13 -0.10
CA PRO A 193 -22.20 1.57 0.00
C PRO A 193 -22.37 0.76 1.28
N GLU A 194 -23.61 0.72 1.78
CA GLU A 194 -23.91 0.00 3.01
CA GLU A 194 -23.91 -0.01 3.01
C GLU A 194 -23.46 -1.46 2.93
N LYS A 195 -23.70 -2.12 1.80
CA LYS A 195 -23.32 -3.52 1.66
C LYS A 195 -21.80 -3.71 1.74
N VAL A 196 -21.02 -2.75 1.24
CA VAL A 196 -19.58 -2.82 1.35
C VAL A 196 -19.15 -2.63 2.82
N LYS A 197 -19.71 -1.63 3.50
CA LYS A 197 -19.36 -1.43 4.89
C LYS A 197 -19.68 -2.67 5.74
N THR A 198 -20.83 -3.29 5.50
CA THR A 198 -21.30 -4.43 6.28
CA THR A 198 -21.24 -4.41 6.33
C THR A 198 -20.50 -5.69 5.97
N GLU A 199 -20.21 -5.93 4.69
CA GLU A 199 -19.66 -7.22 4.27
C GLU A 199 -18.15 -7.21 4.05
N VAL A 200 -17.54 -6.04 3.83
CA VAL A 200 -16.16 -5.95 3.35
C VAL A 200 -15.25 -5.29 4.38
N PHE A 201 -15.69 -4.22 5.03
CA PHE A 201 -14.76 -3.39 5.78
C PHE A 201 -14.06 -4.12 6.93
N LYS A 202 -14.78 -4.94 7.70
CA LYS A 202 -14.17 -5.57 8.86
C LYS A 202 -13.10 -6.58 8.43
N GLN A 203 -13.40 -7.46 7.47
CA GLN A 203 -12.43 -8.45 7.00
C GLN A 203 -11.30 -7.78 6.22
N GLY A 204 -11.66 -6.71 5.51
CA GLY A 204 -10.73 -5.93 4.74
C GLY A 204 -10.83 -6.21 3.25
N TYR A 205 -11.30 -7.42 2.90
CA TYR A 205 -11.41 -7.87 1.52
C TYR A 205 -12.55 -8.88 1.42
N LEU A 206 -13.08 -9.07 0.20
CA LEU A 206 -14.12 -10.02 -0.06
C LEU A 206 -14.03 -10.50 -1.50
N SER A 207 -13.99 -11.82 -1.68
CA SER A 207 -14.12 -12.44 -2.99
C SER A 207 -15.58 -12.41 -3.41
N LEU A 208 -15.87 -11.99 -4.67
CA LEU A 208 -17.24 -11.90 -5.17
C LEU A 208 -17.34 -12.51 -6.56
N SER A 209 -18.49 -13.13 -6.84
CA SER A 209 -18.84 -13.52 -8.20
C SER A 209 -19.29 -12.29 -8.97
N GLN A 210 -18.92 -12.17 -10.25
CA GLN A 210 -19.14 -10.96 -11.01
C GLN A 210 -20.62 -10.59 -11.08
N GLU A 211 -21.53 -11.58 -11.05
CA GLU A 211 -22.94 -11.29 -11.26
C GLU A 211 -23.55 -10.44 -10.17
N VAL A 212 -22.94 -10.38 -8.97
CA VAL A 212 -23.50 -9.60 -7.88
C VAL A 212 -22.83 -8.21 -7.76
N LEU A 213 -21.89 -7.87 -8.63
CA LEU A 213 -21.17 -6.59 -8.54
C LEU A 213 -22.11 -5.39 -8.46
N PRO A 214 -23.20 -5.27 -9.26
CA PRO A 214 -24.03 -4.08 -9.18
C PRO A 214 -24.51 -3.73 -7.78
N ASP A 215 -24.70 -4.77 -6.95
CA ASP A 215 -25.23 -4.61 -5.62
C ASP A 215 -24.24 -3.93 -4.67
N TYR A 216 -22.97 -3.82 -5.06
CA TYR A 216 -21.91 -3.31 -4.20
C TYR A 216 -21.32 -2.00 -4.72
N ILE A 217 -21.89 -1.41 -5.77
CA ILE A 217 -21.37 -0.19 -6.38
C ILE A 217 -22.46 0.88 -6.31
N GLY A 218 -22.07 2.05 -5.78
CA GLY A 218 -22.93 3.22 -5.67
C GLY A 218 -22.49 4.28 -6.66
N ASP A 219 -21.88 5.36 -6.17
CA ASP A 219 -21.55 6.49 -7.03
C ASP A 219 -20.32 6.26 -7.90
N TYR A 220 -19.23 5.76 -7.29
CA TYR A 220 -17.94 5.59 -7.94
C TYR A 220 -17.37 4.22 -7.60
N VAL A 221 -16.55 3.71 -8.52
CA VAL A 221 -15.77 2.50 -8.28
C VAL A 221 -14.34 2.74 -8.73
N VAL A 222 -13.37 2.38 -7.86
CA VAL A 222 -11.96 2.39 -8.17
C VAL A 222 -11.54 0.95 -8.38
N ILE A 223 -10.93 0.62 -9.52
CA ILE A 223 -10.63 -0.76 -9.87
C ILE A 223 -9.14 -0.90 -10.20
N ALA A 224 -8.45 -1.72 -9.40
CA ALA A 224 -7.03 -2.00 -9.60
C ALA A 224 -6.85 -3.26 -10.43
N ALA A 225 -5.86 -3.24 -11.32
CA ALA A 225 -5.46 -4.41 -12.09
C ALA A 225 -4.00 -4.24 -12.50
N GLU A 226 -3.31 -5.37 -12.75
CA GLU A 226 -1.89 -5.36 -13.06
C GLU A 226 -1.62 -5.12 -14.53
N ASP A 227 -2.64 -5.22 -15.39
CA ASP A 227 -2.52 -5.04 -16.84
C ASP A 227 -3.88 -4.66 -17.39
N ASP A 228 -3.96 -4.23 -18.64
CA ASP A 228 -5.23 -3.81 -19.25
CA ASP A 228 -5.24 -3.80 -19.22
C ASP A 228 -6.04 -5.00 -19.74
N LYS A 229 -5.42 -6.14 -19.96
CA LYS A 229 -6.15 -7.29 -20.50
C LYS A 229 -7.08 -7.87 -19.45
N THR A 230 -6.68 -7.84 -18.17
CA THR A 230 -7.38 -8.59 -17.15
C THR A 230 -8.85 -8.19 -17.13
N GLY A 231 -9.16 -6.89 -17.17
CA GLY A 231 -10.56 -6.51 -17.04
C GLY A 231 -11.36 -6.43 -18.34
N SER A 232 -10.73 -6.72 -19.50
CA SER A 232 -11.36 -6.42 -20.78
C SER A 232 -12.72 -7.10 -20.93
N ALA A 233 -12.82 -8.39 -20.61
CA ALA A 233 -14.07 -9.13 -20.76
C ALA A 233 -15.17 -8.59 -19.84
N LEU A 234 -14.81 -8.29 -18.59
CA LEU A 234 -15.77 -7.69 -17.67
C LEU A 234 -16.30 -6.38 -18.24
N TYR A 235 -15.40 -5.50 -18.68
CA TYR A 235 -15.77 -4.15 -19.07
C TYR A 235 -16.71 -4.15 -20.27
N GLU A 236 -16.58 -5.15 -21.15
CA GLU A 236 -17.40 -5.22 -22.35
C GLU A 236 -18.76 -5.86 -22.09
N SER A 237 -18.94 -6.51 -20.92
CA SER A 237 -20.16 -7.24 -20.61
C SER A 237 -21.39 -6.34 -20.41
N LYS A 238 -22.58 -6.88 -20.73
CA LYS A 238 -23.83 -6.17 -20.53
C LYS A 238 -24.06 -5.89 -19.04
N LEU A 239 -23.70 -6.86 -18.19
CA LEU A 239 -23.79 -6.73 -16.74
C LEU A 239 -23.07 -5.47 -16.29
N TRP A 240 -21.81 -5.34 -16.69
CA TRP A 240 -21.01 -4.20 -16.26
C TRP A 240 -21.60 -2.90 -16.80
N GLN A 241 -21.97 -2.90 -18.09
CA GLN A 241 -22.45 -1.70 -18.74
C GLN A 241 -23.80 -1.22 -18.19
N SER A 242 -24.51 -2.09 -17.46
CA SER A 242 -25.80 -1.75 -16.88
C SER A 242 -25.66 -0.99 -15.55
N ILE A 243 -24.46 -1.00 -14.95
CA ILE A 243 -24.27 -0.38 -13.65
C ILE A 243 -24.32 1.14 -13.77
N PRO A 244 -25.13 1.86 -12.97
CA PRO A 244 -25.18 3.32 -13.10
C PRO A 244 -23.83 4.02 -13.06
N ALA A 245 -22.93 3.61 -12.14
CA ALA A 245 -21.62 4.25 -12.06
C ALA A 245 -20.86 4.14 -13.38
N VAL A 246 -21.05 2.99 -14.08
CA VAL A 246 -20.38 2.78 -15.35
C VAL A 246 -20.99 3.68 -16.43
N LYS A 247 -22.31 3.78 -16.47
CA LYS A 247 -23.00 4.67 -17.40
C LYS A 247 -22.57 6.12 -17.23
N LYS A 248 -22.32 6.54 -15.98
CA LYS A 248 -22.00 7.92 -15.64
C LYS A 248 -20.51 8.23 -15.81
N HIS A 249 -19.69 7.22 -16.16
CA HIS A 249 -18.25 7.40 -16.30
C HIS A 249 -17.57 7.67 -14.95
N HIS A 250 -18.07 7.00 -13.92
CA HIS A 250 -17.55 7.10 -12.55
C HIS A 250 -16.72 5.87 -12.19
N VAL A 251 -16.03 5.28 -13.18
CA VAL A 251 -15.11 4.18 -13.00
C VAL A 251 -13.70 4.73 -13.13
N ILE A 252 -12.86 4.44 -12.12
CA ILE A 252 -11.49 4.90 -12.10
C ILE A 252 -10.61 3.65 -12.12
N LYS A 253 -9.93 3.41 -13.24
CA LYS A 253 -9.11 2.23 -13.43
C LYS A 253 -7.68 2.61 -13.09
N VAL A 254 -7.06 1.87 -12.15
CA VAL A 254 -5.75 2.19 -11.62
C VAL A 254 -4.79 1.01 -11.81
N ASN A 255 -3.51 1.35 -11.80
CA ASN A 255 -2.42 0.40 -12.00
C ASN A 255 -2.04 -0.26 -10.67
N ALA A 256 -2.43 -1.53 -10.49
CA ALA A 256 -2.16 -2.24 -9.25
C ALA A 256 -0.67 -2.35 -8.93
N ASN A 257 0.19 -2.32 -9.94
CA ASN A 257 1.62 -2.48 -9.69
C ASN A 257 2.15 -1.39 -8.77
N VAL A 258 1.46 -0.22 -8.70
CA VAL A 258 1.74 0.77 -7.66
C VAL A 258 0.60 0.81 -6.64
N PHE A 259 -0.67 0.64 -7.07
CA PHE A 259 -1.79 0.81 -6.16
C PHE A 259 -1.97 -0.30 -5.12
N TYR A 260 -1.22 -1.42 -5.19
CA TYR A 260 -1.27 -2.36 -4.08
C TYR A 260 -0.78 -1.74 -2.77
N PHE A 261 0.15 -0.77 -2.86
CA PHE A 261 0.99 -0.37 -1.74
C PHE A 261 0.44 0.82 -0.97
N THR A 262 1.00 1.04 0.22
CA THR A 262 0.60 2.13 1.11
C THR A 262 1.81 2.89 1.63
N ASP A 263 3.00 2.66 1.02
CA ASP A 263 4.17 3.37 1.49
C ASP A 263 4.10 4.81 1.00
N PRO A 264 4.88 5.72 1.60
CA PRO A 264 4.83 7.12 1.20
C PRO A 264 5.08 7.42 -0.26
N LEU A 265 6.03 6.70 -0.89
CA LEU A 265 6.36 6.99 -2.28
CA LEU A 265 6.35 7.00 -2.28
C LEU A 265 5.19 6.60 -3.19
N SER A 266 4.67 5.39 -2.99
CA SER A 266 3.53 4.93 -3.78
C SER A 266 2.33 5.84 -3.54
N LEU A 267 2.09 6.20 -2.28
CA LEU A 267 0.94 7.02 -1.92
C LEU A 267 0.97 8.38 -2.59
N GLU A 268 2.13 9.01 -2.68
CA GLU A 268 2.21 10.32 -3.31
C GLU A 268 1.70 10.28 -4.74
N TYR A 269 2.11 9.26 -5.49
CA TYR A 269 1.62 9.05 -6.84
C TYR A 269 0.13 8.75 -6.86
N GLN A 270 -0.31 7.83 -6.01
CA GLN A 270 -1.70 7.44 -5.97
C GLN A 270 -2.59 8.66 -5.68
N LEU A 271 -2.14 9.52 -4.77
CA LEU A 271 -2.95 10.65 -4.34
C LEU A 271 -3.20 11.61 -5.51
N GLU A 272 -2.14 11.96 -6.23
CA GLU A 272 -2.29 12.86 -7.38
C GLU A 272 -3.13 12.18 -8.46
N THR A 273 -2.91 10.88 -8.67
CA THR A 273 -3.63 10.13 -9.69
C THR A 273 -5.14 10.10 -9.39
N LEU A 274 -5.51 9.81 -8.14
CA LEU A 274 -6.91 9.74 -7.77
C LEU A 274 -7.58 11.12 -7.80
N ARG A 275 -6.87 12.15 -7.33
CA ARG A 275 -7.39 13.51 -7.42
C ARG A 275 -7.71 13.86 -8.88
N GLU A 276 -6.74 13.66 -9.76
CA GLU A 276 -6.94 13.96 -11.17
C GLU A 276 -8.06 13.11 -11.77
N ALA A 277 -8.16 11.84 -11.39
CA ALA A 277 -9.17 10.98 -11.97
C ALA A 277 -10.58 11.41 -11.56
N ILE A 278 -10.76 11.82 -10.31
CA ILE A 278 -12.08 12.29 -9.90
C ILE A 278 -12.43 13.56 -10.66
N LEU A 279 -11.48 14.48 -10.79
CA LEU A 279 -11.73 15.68 -11.58
CA LEU A 279 -11.74 15.69 -11.57
C LEU A 279 -12.12 15.29 -13.01
N SER A 280 -11.40 14.34 -13.60
CA SER A 280 -11.60 13.95 -14.99
C SER A 280 -12.90 13.18 -15.24
N SER A 281 -13.53 12.65 -14.20
CA SER A 281 -14.76 11.92 -14.38
C SER A 281 -15.87 12.82 -14.92
N GLU A 282 -15.70 14.14 -14.84
CA GLU A 282 -16.67 15.12 -15.32
C GLU A 282 -16.21 15.79 -16.61
N ASN A 283 -15.32 15.12 -17.35
CA ASN A 283 -14.96 15.59 -18.68
C ASN A 283 -16.06 15.29 -19.71
O19 P33 B . -5.36 -9.77 -0.85
C18 P33 B . -6.58 -10.51 -0.85
C17 P33 B . -7.22 -10.33 -2.19
O16 P33 B . -6.42 -10.91 -3.23
C15 P33 B . -6.50 -12.32 -3.30
C14 P33 B . -5.95 -12.77 -4.61
O13 P33 B . -4.55 -12.59 -4.59
C12 P33 B . -3.99 -12.96 -5.84
C11 P33 B . -2.54 -12.76 -5.79
O10 P33 B . -2.29 -11.38 -5.56
C9 P33 B . -0.89 -11.14 -5.55
C8 P33 B . -0.65 -9.70 -5.30
O7 P33 B . -1.00 -9.40 -3.95
C6 P33 B . -0.96 -8.00 -3.68
C5 P33 B . 0.45 -7.53 -3.55
O4 P33 B . 1.08 -8.29 -2.53
C3 P33 B . 2.41 -7.85 -2.23
C2 P33 B . 2.98 -8.68 -1.11
O1 P33 B . 2.87 -8.04 0.17
C1 PEG C . -4.91 1.27 -15.23
O1 PEG C . -4.21 2.39 -15.78
C2 PEG C . -4.79 0.05 -16.07
O2 PEG C . -4.13 -0.98 -15.35
C3 PEG C . -3.08 -1.62 -16.07
C4 PEG C . -1.79 -1.36 -15.41
O4 PEG C . -0.71 -1.21 -16.33
ZN ZN D . -12.99 14.59 5.93
ZN ZN E . -20.32 12.46 -13.03
ZN ZN F . 23.62 -21.52 10.25
ZN ZN F . 24.74 -20.61 11.65
ZN ZN G . 1.81 -10.14 -11.15
ZN ZN H . 22.73 -7.19 22.30
ZN ZN I . 24.32 -7.30 20.00
S SO4 J . 15.62 13.18 12.03
O1 SO4 J . 15.30 13.09 13.46
O2 SO4 J . 15.56 14.59 11.66
O3 SO4 J . 16.91 12.65 11.73
O4 SO4 J . 14.63 12.42 11.31
S SO4 K . -15.38 0.92 -20.74
O1 SO4 K . -16.78 1.20 -20.52
O2 SO4 K . -14.67 2.15 -20.99
O3 SO4 K . -14.82 0.26 -19.57
O4 SO4 K . -15.24 0.03 -21.89
CL CL L . -2.84 4.20 -12.00
NA NA M . 2.27 -6.42 4.95
NA NA N . -13.38 17.38 -15.63
#